data_6QLY
#
_entry.id   6QLY
#
_cell.length_a   159.490
_cell.length_b   159.490
_cell.length_c   76.722
_cell.angle_alpha   90.000
_cell.angle_beta   90.000
_cell.angle_gamma   90.000
#
_symmetry.space_group_name_H-M   'I 41 2 2'
#
loop_
_entity.id
_entity.type
_entity.pdbx_description
1 polymer 'E3 ubiquitin-protein ligase MYLIP'
2 non-polymer 'SULFATE ION'
3 non-polymer 1,2-ETHANEDIOL
4 water water
#
_entity_poly.entity_id   1
_entity_poly.type   'polypeptide(L)'
_entity_poly.pdbx_seq_one_letter_code
;GGMLCYVTRPDAVLMEVEVEAKANGEDCLNQVCRRLGIIEVDYFGLQFTGSKGESLWLNLRNRISQQMDGLAPYRLKLRV
KFFVEPHLILQEQTRHIFFLHIKEALLAGHLLCSPEQAVELSALLAQTKFGDYNQNTAKYNYEELCAKELSSATLNSIVA
KHKELEGTSQASAEYQVLQIVSAMENYGIEWHSVRDSEGQKLLIGVGPEGISICKDDFSPINRIAYPVVQMATQSGKNVY
LTVTKESGNSIVLLFKMISTRAASGLYRAITETHAFYRCDTVTSAVMMQYSRDLKGHLASLFLNENINLGKKYVFDIKRT
SKEVYDHARRALYNAGVVDLVSRNNQ
;
_entity_poly.pdbx_strand_id   A
#
loop_
_chem_comp.id
_chem_comp.type
_chem_comp.name
_chem_comp.formula
EDO non-polymer 1,2-ETHANEDIOL 'C2 H6 O2'
SO4 non-polymer 'SULFATE ION' 'O4 S -2'
#
# COMPACT_ATOMS: atom_id res chain seq x y z
N GLY A 1 -13.18 28.82 5.29
CA GLY A 1 -12.69 29.86 6.18
C GLY A 1 -11.96 29.34 7.42
N GLY A 2 -10.66 29.07 7.26
CA GLY A 2 -9.79 28.52 8.28
C GLY A 2 -10.33 27.21 8.83
N MET A 3 -10.77 26.33 7.91
CA MET A 3 -11.49 25.06 8.11
C MET A 3 -10.99 24.12 9.21
N LEU A 4 -11.99 23.48 9.85
CA LEU A 4 -11.89 22.53 10.95
C LEU A 4 -11.86 21.08 10.49
N CYS A 5 -10.88 20.33 10.97
CA CYS A 5 -10.71 18.90 10.66
C CYS A 5 -10.84 18.11 11.98
N TYR A 6 -11.63 17.03 11.95
CA TYR A 6 -11.85 16.18 13.10
C TYR A 6 -10.99 14.94 12.89
N VAL A 7 -9.81 14.94 13.52
CA VAL A 7 -8.84 13.86 13.34
C VAL A 7 -8.95 12.78 14.43
N THR A 8 -9.21 11.55 14.03
CA THR A 8 -9.30 10.39 14.93
C THR A 8 -7.90 9.74 14.99
N ARG A 9 -7.34 9.64 16.20
CA ARG A 9 -6.06 9.01 16.49
C ARG A 9 -6.24 7.48 16.57
N PRO A 10 -5.17 6.64 16.61
CA PRO A 10 -5.41 5.18 16.67
C PRO A 10 -5.79 4.66 18.08
N ASP A 11 -5.76 5.55 19.12
CA ASP A 11 -6.24 5.24 20.48
C ASP A 11 -7.69 5.75 20.67
N ALA A 12 -8.45 5.89 19.54
CA ALA A 12 -9.86 6.36 19.40
C ALA A 12 -10.12 7.84 19.79
N VAL A 13 -9.07 8.60 20.16
CA VAL A 13 -9.21 10.01 20.55
C VAL A 13 -9.42 10.93 19.35
N LEU A 14 -10.43 11.82 19.45
CA LEU A 14 -10.75 12.81 18.44
C LEU A 14 -10.01 14.12 18.75
N MET A 15 -9.34 14.68 17.75
CA MET A 15 -8.60 15.94 17.77
C MET A 15 -9.35 16.95 16.88
N GLU A 16 -9.43 18.22 17.33
CA GLU A 16 -10.05 19.29 16.54
C GLU A 16 -8.90 20.12 15.98
N VAL A 17 -8.58 19.88 14.71
CA VAL A 17 -7.46 20.50 13.98
C VAL A 17 -7.96 21.65 13.10
N GLU A 18 -7.62 22.89 13.46
CA GLU A 18 -8.00 24.07 12.71
C GLU A 18 -6.85 24.35 11.76
N VAL A 19 -7.11 24.30 10.44
CA VAL A 19 -6.12 24.56 9.40
C VAL A 19 -6.54 25.75 8.54
N GLU A 20 -5.60 26.35 7.80
CA GLU A 20 -5.84 27.46 6.88
C GLU A 20 -6.88 27.02 5.82
N ALA A 21 -7.81 27.91 5.43
CA ALA A 21 -8.89 27.60 4.48
C ALA A 21 -8.46 26.86 3.20
N LYS A 22 -7.26 27.19 2.68
CA LYS A 22 -6.69 26.61 1.46
C LYS A 22 -5.43 25.79 1.73
N ALA A 23 -5.34 25.19 2.93
CA ALA A 23 -4.23 24.37 3.35
C ALA A 23 -4.24 23.03 2.62
N ASN A 24 -3.04 22.44 2.45
CA ASN A 24 -2.79 21.14 1.85
C ASN A 24 -2.94 20.05 2.92
N GLY A 25 -3.01 18.80 2.49
CA GLY A 25 -3.09 17.66 3.39
C GLY A 25 -1.88 17.54 4.31
N GLU A 26 -0.69 18.01 3.84
CA GLU A 26 0.56 17.99 4.60
C GLU A 26 0.48 18.91 5.80
N ASP A 27 -0.23 20.05 5.64
CA ASP A 27 -0.41 21.06 6.68
C ASP A 27 -1.25 20.54 7.83
N CYS A 28 -2.23 19.68 7.53
CA CYS A 28 -3.08 19.06 8.55
C CYS A 28 -2.23 18.06 9.37
N LEU A 29 -1.70 17.01 8.69
CA LEU A 29 -0.87 15.95 9.22
C LEU A 29 0.34 16.48 10.00
N ASN A 30 0.98 17.55 9.51
CA ASN A 30 2.12 18.15 10.21
C ASN A 30 1.69 18.72 11.55
N GLN A 31 0.53 19.39 11.62
CA GLN A 31 0.01 19.97 12.86
C GLN A 31 -0.44 18.86 13.82
N VAL A 32 -1.00 17.76 13.27
CA VAL A 32 -1.43 16.57 13.99
C VAL A 32 -0.18 15.94 14.64
N CYS A 33 0.90 15.73 13.86
CA CYS A 33 2.17 15.18 14.33
C CYS A 33 2.89 16.10 15.34
N ARG A 34 2.90 17.44 15.10
CA ARG A 34 3.46 18.44 16.00
C ARG A 34 2.79 18.31 17.39
N ARG A 35 1.45 18.11 17.40
CA ARG A 35 0.61 17.96 18.59
C ARG A 35 0.68 16.57 19.26
N LEU A 36 1.24 15.56 18.57
CA LEU A 36 1.42 14.20 19.09
C LEU A 36 2.89 13.95 19.42
N GLY A 37 3.75 14.87 18.98
CA GLY A 37 5.20 14.80 19.17
C GLY A 37 5.89 13.86 18.21
N ILE A 38 5.33 13.66 16.99
CA ILE A 38 5.87 12.80 15.93
C ILE A 38 6.82 13.59 15.06
N ILE A 39 8.03 13.06 14.86
CA ILE A 39 9.11 13.62 14.05
C ILE A 39 9.21 12.84 12.72
N GLU A 40 8.94 11.51 12.76
CA GLU A 40 8.95 10.61 11.60
C GLU A 40 7.58 10.62 10.91
N VAL A 41 7.20 11.80 10.42
CA VAL A 41 5.92 12.13 9.78
C VAL A 41 5.66 11.32 8.52
N ASP A 42 6.74 11.00 7.77
CA ASP A 42 6.73 10.34 6.46
C ASP A 42 6.23 8.93 6.45
N TYR A 43 6.09 8.30 7.65
CA TYR A 43 5.49 6.97 7.76
C TYR A 43 3.97 7.07 7.75
N PHE A 44 3.44 8.27 8.08
CA PHE A 44 2.02 8.50 8.30
C PHE A 44 1.22 9.10 7.15
N GLY A 45 -0.09 8.97 7.28
CA GLY A 45 -1.04 9.52 6.34
C GLY A 45 -2.34 9.79 7.06
N LEU A 46 -3.32 10.35 6.32
CA LEU A 46 -4.64 10.65 6.85
C LEU A 46 -5.65 9.99 5.95
N GLN A 47 -6.41 9.05 6.50
CA GLN A 47 -7.44 8.33 5.76
C GLN A 47 -8.81 9.05 5.93
N PHE A 48 -9.60 9.08 4.87
CA PHE A 48 -10.97 9.64 4.90
C PHE A 48 -11.86 8.74 4.07
N THR A 49 -13.17 8.82 4.23
CA THR A 49 -14.10 7.98 3.44
C THR A 49 -14.87 8.87 2.44
N GLY A 50 -14.81 8.51 1.15
CA GLY A 50 -15.43 9.23 0.05
C GLY A 50 -16.95 9.09 -0.06
N SER A 51 -17.52 9.66 -1.16
CA SER A 51 -18.98 9.67 -1.46
C SER A 51 -19.59 8.28 -1.49
N LYS A 52 -18.90 7.32 -2.12
CA LYS A 52 -19.35 5.94 -2.28
C LYS A 52 -18.88 5.02 -1.13
N GLY A 53 -18.62 5.63 0.03
CA GLY A 53 -18.20 4.97 1.27
C GLY A 53 -16.82 4.34 1.29
N GLU A 54 -16.01 4.60 0.25
CA GLU A 54 -14.66 4.05 0.07
C GLU A 54 -13.58 4.79 0.89
N SER A 55 -12.63 4.04 1.52
CA SER A 55 -11.53 4.65 2.30
C SER A 55 -10.41 5.11 1.36
N LEU A 56 -10.05 6.39 1.46
CA LEU A 56 -9.05 7.05 0.60
C LEU A 56 -7.99 7.79 1.40
N TRP A 57 -6.77 7.88 0.88
CA TRP A 57 -5.71 8.63 1.57
C TRP A 57 -5.77 10.07 1.14
N LEU A 58 -5.62 11.00 2.08
CA LEU A 58 -5.56 12.41 1.72
C LEU A 58 -4.22 12.66 1.00
N ASN A 59 -4.28 13.32 -0.17
CA ASN A 59 -3.11 13.71 -0.95
C ASN A 59 -2.51 14.90 -0.19
N LEU A 60 -1.30 14.73 0.30
CA LEU A 60 -0.60 15.72 1.11
C LEU A 60 -0.17 16.94 0.34
N ARG A 61 -0.04 16.82 -0.98
CA ARG A 61 0.39 17.92 -1.84
C ARG A 61 -0.73 18.79 -2.37
N ASN A 62 -1.99 18.30 -2.38
CA ASN A 62 -3.17 19.04 -2.82
C ASN A 62 -3.98 19.62 -1.65
N ARG A 63 -4.91 20.56 -1.97
CA ARG A 63 -5.81 21.22 -1.03
C ARG A 63 -6.77 20.22 -0.41
N ILE A 64 -7.09 20.39 0.89
CA ILE A 64 -8.06 19.53 1.57
C ILE A 64 -9.45 19.79 0.99
N SER A 65 -9.85 21.08 0.91
CA SER A 65 -11.13 21.62 0.40
C SER A 65 -11.60 21.06 -0.98
N GLN A 66 -10.63 20.75 -1.86
CA GLN A 66 -10.85 20.19 -3.18
C GLN A 66 -11.13 18.69 -3.05
N GLN A 67 -10.28 17.99 -2.29
CA GLN A 67 -10.27 16.55 -2.08
C GLN A 67 -11.46 16.02 -1.33
N MET A 68 -12.00 16.84 -0.41
CA MET A 68 -13.09 16.48 0.49
C MET A 68 -14.27 17.42 0.29
N ASP A 69 -14.48 17.83 -0.98
CA ASP A 69 -15.49 18.80 -1.40
C ASP A 69 -16.86 18.60 -0.77
N GLY A 70 -17.59 17.56 -1.19
CA GLY A 70 -18.94 17.28 -0.67
C GLY A 70 -19.02 17.05 0.82
N LEU A 71 -18.27 16.03 1.26
CA LEU A 71 -18.10 15.46 2.60
C LEU A 71 -17.55 16.43 3.64
N ALA A 72 -18.40 16.92 4.53
CA ALA A 72 -18.17 17.82 5.67
C ALA A 72 -19.24 17.51 6.74
N PRO A 73 -18.91 17.48 8.06
CA PRO A 73 -17.62 17.76 8.73
C PRO A 73 -16.45 16.92 8.24
N TYR A 74 -15.31 17.58 8.00
CA TYR A 74 -14.09 16.92 7.53
C TYR A 74 -13.58 15.98 8.60
N ARG A 75 -13.68 14.67 8.36
CA ARG A 75 -13.24 13.64 9.29
C ARG A 75 -12.08 12.88 8.72
N LEU A 76 -10.92 12.94 9.39
CA LEU A 76 -9.71 12.22 8.98
C LEU A 76 -9.21 11.30 10.09
N LYS A 77 -8.75 10.11 9.71
CA LYS A 77 -8.22 9.10 10.61
C LYS A 77 -6.68 9.02 10.47
N LEU A 78 -5.93 9.41 11.52
CA LEU A 78 -4.46 9.32 11.52
C LEU A 78 -4.03 7.85 11.48
N ARG A 79 -3.28 7.49 10.43
CA ARG A 79 -2.83 6.12 10.23
C ARG A 79 -1.41 5.99 9.68
N VAL A 80 -0.80 4.82 9.92
CA VAL A 80 0.50 4.48 9.40
C VAL A 80 0.19 4.07 7.95
N LYS A 81 0.91 4.68 6.97
CA LYS A 81 0.78 4.43 5.54
C LYS A 81 1.91 3.49 5.10
N PHE A 82 3.11 3.69 5.69
CA PHE A 82 4.28 2.91 5.35
C PHE A 82 4.86 2.19 6.55
N PHE A 83 4.64 0.88 6.58
CA PHE A 83 5.13 -0.04 7.59
C PHE A 83 6.53 -0.41 7.26
N VAL A 84 7.40 -0.29 8.25
CA VAL A 84 8.82 -0.60 8.13
C VAL A 84 9.17 -1.57 9.30
N GLU A 85 10.42 -2.05 9.39
CA GLU A 85 10.79 -2.95 10.48
C GLU A 85 10.77 -2.16 11.82
N PRO A 86 10.03 -2.64 12.85
CA PRO A 86 9.91 -1.87 14.11
C PRO A 86 11.18 -1.23 14.66
N HIS A 87 12.32 -1.93 14.62
CA HIS A 87 13.59 -1.39 15.13
C HIS A 87 14.05 -0.15 14.40
N LEU A 88 13.68 -0.03 13.09
CA LEU A 88 14.05 1.10 12.25
C LEU A 88 13.32 2.38 12.60
N ILE A 89 12.26 2.28 13.44
CA ILE A 89 11.53 3.44 13.94
C ILE A 89 12.34 3.91 15.14
N LEU A 90 12.88 5.11 15.05
CA LEU A 90 13.77 5.63 16.07
C LEU A 90 13.06 6.22 17.30
N GLN A 91 11.91 6.87 17.15
CA GLN A 91 11.15 7.49 18.25
C GLN A 91 10.16 6.54 18.86
N GLU A 92 10.01 6.60 20.20
CA GLU A 92 9.12 5.73 21.00
C GLU A 92 7.64 6.02 20.83
N GLN A 93 7.27 7.27 20.61
CA GLN A 93 5.87 7.61 20.42
C GLN A 93 5.42 7.07 19.07
N THR A 94 6.29 7.16 18.04
CA THR A 94 6.01 6.61 16.70
C THR A 94 5.84 5.07 16.78
N ARG A 95 6.61 4.40 17.64
CA ARG A 95 6.56 2.94 17.84
C ARG A 95 5.26 2.56 18.45
N HIS A 96 4.83 3.34 19.45
CA HIS A 96 3.57 3.14 20.17
C HIS A 96 2.41 3.33 19.23
N ILE A 97 2.52 4.28 18.30
CA ILE A 97 1.45 4.52 17.33
C ILE A 97 1.38 3.37 16.34
N PHE A 98 2.52 2.79 15.93
CA PHE A 98 2.56 1.60 15.06
C PHE A 98 1.89 0.45 15.79
N PHE A 99 2.19 0.29 17.11
CA PHE A 99 1.55 -0.71 17.95
C PHE A 99 0.05 -0.50 18.02
N LEU A 100 -0.39 0.77 18.24
CA LEU A 100 -1.82 1.07 18.33
C LEU A 100 -2.56 0.65 17.08
N HIS A 101 -1.93 0.92 15.91
CA HIS A 101 -2.45 0.57 14.60
C HIS A 101 -2.49 -0.95 14.41
N ILE A 102 -1.41 -1.65 14.79
CA ILE A 102 -1.28 -3.10 14.67
C ILE A 102 -2.22 -3.86 15.63
N LYS A 103 -2.40 -3.39 16.88
CA LYS A 103 -3.28 -4.01 17.86
C LYS A 103 -4.73 -3.98 17.33
N GLU A 104 -5.14 -2.82 16.77
CA GLU A 104 -6.46 -2.58 16.20
C GLU A 104 -6.73 -3.52 15.01
N ALA A 105 -5.72 -3.75 14.15
CA ALA A 105 -5.82 -4.64 12.99
C ALA A 105 -5.98 -6.08 13.43
N LEU A 106 -5.31 -6.46 14.53
CA LEU A 106 -5.37 -7.80 15.11
C LEU A 106 -6.74 -8.08 15.77
N LEU A 107 -7.22 -7.15 16.66
CA LEU A 107 -8.49 -7.18 17.39
C LEU A 107 -9.74 -7.06 16.48
N ALA A 108 -9.53 -6.71 15.19
CA ALA A 108 -10.59 -6.59 14.19
C ALA A 108 -10.49 -7.71 13.14
N GLY A 109 -9.50 -8.58 13.31
CA GLY A 109 -9.26 -9.73 12.44
C GLY A 109 -8.83 -9.34 11.04
N HIS A 110 -8.11 -8.22 10.92
CA HIS A 110 -7.60 -7.71 9.65
C HIS A 110 -6.25 -8.30 9.31
N LEU A 111 -5.71 -9.12 10.23
CA LEU A 111 -4.45 -9.82 10.13
C LEU A 111 -4.65 -11.10 10.95
N LEU A 112 -5.03 -12.19 10.25
CA LEU A 112 -5.29 -13.50 10.84
C LEU A 112 -3.98 -14.22 11.05
N CYS A 113 -3.84 -14.90 12.19
CA CYS A 113 -2.62 -15.61 12.54
C CYS A 113 -2.88 -17.03 13.04
N SER A 114 -1.85 -17.90 12.94
CA SER A 114 -1.85 -19.29 13.37
C SER A 114 -2.11 -19.42 14.89
N PRO A 115 -2.71 -20.53 15.38
CA PRO A 115 -2.96 -20.67 16.83
C PRO A 115 -1.75 -20.43 17.74
N GLU A 116 -0.55 -20.85 17.29
CA GLU A 116 0.74 -20.71 18.00
C GLU A 116 1.14 -19.24 18.11
N GLN A 117 0.92 -18.46 17.03
CA GLN A 117 1.20 -17.03 16.95
C GLN A 117 0.21 -16.28 17.83
N ALA A 118 -1.08 -16.67 17.78
CA ALA A 118 -2.17 -16.06 18.55
C ALA A 118 -2.05 -16.27 20.07
N VAL A 119 -1.31 -17.32 20.51
CA VAL A 119 -1.10 -17.60 21.93
C VAL A 119 -0.12 -16.57 22.50
N GLU A 120 1.08 -16.43 21.89
CA GLU A 120 2.10 -15.48 22.34
C GLU A 120 1.60 -14.02 22.22
N LEU A 121 0.92 -13.68 21.10
CA LEU A 121 0.34 -12.34 20.86
C LEU A 121 -0.71 -11.96 21.90
N SER A 122 -1.61 -12.89 22.29
CA SER A 122 -2.66 -12.66 23.29
C SER A 122 -2.07 -12.36 24.66
N ALA A 123 -0.94 -13.02 25.01
CA ALA A 123 -0.21 -12.85 26.27
C ALA A 123 0.53 -11.51 26.28
N LEU A 124 1.16 -11.15 25.16
CA LEU A 124 1.90 -9.89 25.02
C LEU A 124 0.96 -8.69 25.07
N LEU A 125 -0.26 -8.82 24.51
CA LEU A 125 -1.27 -7.77 24.53
C LEU A 125 -1.84 -7.58 25.95
N ALA A 126 -1.86 -8.66 26.76
CA ALA A 126 -2.31 -8.64 28.15
C ALA A 126 -1.32 -7.86 29.02
N GLN A 127 -0.01 -8.21 28.89
CA GLN A 127 1.13 -7.59 29.56
C GLN A 127 1.17 -6.08 29.27
N THR A 128 0.75 -5.68 28.05
CA THR A 128 0.70 -4.30 27.60
C THR A 128 -0.42 -3.52 28.29
N LYS A 129 -1.66 -4.07 28.27
CA LYS A 129 -2.83 -3.40 28.82
C LYS A 129 -2.90 -3.40 30.34
N PHE A 130 -2.52 -4.52 30.99
CA PHE A 130 -2.65 -4.67 32.45
C PHE A 130 -1.34 -4.79 33.25
N GLY A 131 -0.27 -5.24 32.61
CA GLY A 131 1.01 -5.44 33.28
C GLY A 131 1.23 -6.90 33.65
N ASP A 132 1.93 -7.15 34.77
CA ASP A 132 2.18 -8.51 35.24
C ASP A 132 0.87 -9.19 35.68
N TYR A 133 0.76 -10.52 35.48
CA TYR A 133 -0.44 -11.32 35.77
C TYR A 133 -1.06 -11.05 37.15
N ASN A 134 -2.41 -10.99 37.17
CA ASN A 134 -3.26 -10.75 38.32
C ASN A 134 -4.64 -11.29 37.94
N GLN A 135 -5.19 -12.25 38.73
CA GLN A 135 -6.50 -12.89 38.49
C GLN A 135 -7.67 -11.89 38.45
N ASN A 136 -7.55 -10.77 39.21
CA ASN A 136 -8.53 -9.68 39.32
C ASN A 136 -8.70 -8.94 37.98
N THR A 137 -7.56 -8.54 37.36
CA THR A 137 -7.51 -7.84 36.07
C THR A 137 -6.57 -8.58 35.10
N ALA A 138 -7.13 -9.45 34.22
CA ALA A 138 -6.36 -10.22 33.24
C ALA A 138 -7.20 -10.76 32.07
N LYS A 139 -7.96 -9.88 31.40
CA LYS A 139 -8.80 -10.25 30.25
C LYS A 139 -7.91 -10.48 29.00
N TYR A 140 -8.30 -11.43 28.14
CA TYR A 140 -7.55 -11.74 26.92
C TYR A 140 -8.40 -11.60 25.66
N ASN A 141 -7.77 -11.73 24.46
CA ASN A 141 -8.44 -11.62 23.15
C ASN A 141 -7.85 -12.57 22.11
N TYR A 142 -8.09 -13.89 22.28
CA TYR A 142 -7.59 -14.94 21.36
C TYR A 142 -8.48 -15.13 20.12
N GLU A 143 -9.82 -15.06 20.30
CA GLU A 143 -10.84 -15.26 19.27
C GLU A 143 -10.71 -14.38 18.02
N GLU A 144 -10.42 -13.06 18.21
CA GLU A 144 -10.33 -12.07 17.14
C GLU A 144 -9.22 -12.33 16.13
N LEU A 145 -8.03 -12.70 16.61
CA LEU A 145 -6.85 -12.95 15.77
C LEU A 145 -6.88 -14.29 15.07
N CYS A 146 -7.38 -15.33 15.75
CA CYS A 146 -7.45 -16.69 15.24
C CYS A 146 -8.80 -17.05 14.63
N ALA A 147 -8.95 -18.31 14.16
CA ALA A 147 -10.18 -18.80 13.57
C ALA A 147 -11.20 -19.12 14.67
N LYS A 148 -10.83 -20.01 15.62
CA LYS A 148 -11.71 -20.41 16.73
C LYS A 148 -10.91 -20.61 18.01
N GLU A 149 -11.54 -20.30 19.16
CA GLU A 149 -10.98 -20.39 20.51
C GLU A 149 -11.02 -21.83 21.06
N LEU A 150 -9.88 -22.31 21.63
CA LEU A 150 -9.72 -23.67 22.21
C LEU A 150 -10.05 -23.72 23.73
N SER A 151 -10.78 -22.69 24.22
CA SER A 151 -11.26 -22.48 25.60
C SER A 151 -10.15 -22.65 26.66
N SER A 152 -10.42 -23.34 27.79
CA SER A 152 -9.51 -23.59 28.91
C SER A 152 -8.20 -24.25 28.51
N ALA A 153 -8.25 -25.18 27.52
CA ALA A 153 -7.09 -25.90 26.98
C ALA A 153 -6.01 -24.95 26.44
N THR A 154 -6.43 -23.86 25.75
CA THR A 154 -5.51 -22.86 25.21
C THR A 154 -5.35 -21.69 26.19
N LEU A 155 -6.41 -21.37 26.99
CA LEU A 155 -6.40 -20.30 27.98
C LEU A 155 -5.34 -20.59 29.04
N ASN A 156 -5.13 -21.88 29.39
CA ASN A 156 -4.11 -22.29 30.35
C ASN A 156 -2.70 -22.00 29.84
N SER A 157 -2.49 -22.07 28.50
CA SER A 157 -1.20 -21.79 27.85
C SER A 157 -0.96 -20.27 27.74
N ILE A 158 -2.04 -19.47 27.54
CA ILE A 158 -2.01 -18.01 27.42
C ILE A 158 -1.79 -17.36 28.82
N VAL A 159 -2.41 -17.95 29.87
CA VAL A 159 -2.24 -17.51 31.26
C VAL A 159 -0.80 -17.92 31.69
N ALA A 160 -0.28 -19.03 31.12
CA ALA A 160 1.08 -19.55 31.34
C ALA A 160 2.11 -18.64 30.70
N LYS A 161 1.86 -18.17 29.47
CA LYS A 161 2.78 -17.28 28.75
C LYS A 161 2.78 -15.86 29.31
N HIS A 162 1.61 -15.34 29.76
CA HIS A 162 1.50 -14.01 30.40
C HIS A 162 2.28 -13.99 31.73
N LYS A 163 2.34 -15.15 32.41
CA LYS A 163 3.09 -15.31 33.65
C LYS A 163 4.61 -15.28 33.39
N GLU A 164 5.07 -15.83 32.22
CA GLU A 164 6.48 -15.83 31.79
C GLU A 164 6.97 -14.39 31.50
N LEU A 165 6.03 -13.48 31.17
CA LEU A 165 6.27 -12.08 30.86
C LEU A 165 6.35 -11.17 32.09
N GLU A 166 6.32 -11.75 33.31
CA GLU A 166 6.44 -10.98 34.55
C GLU A 166 7.76 -10.21 34.46
N GLY A 167 7.65 -8.89 34.55
CA GLY A 167 8.79 -7.98 34.45
C GLY A 167 8.88 -7.23 33.13
N THR A 168 8.28 -7.78 32.04
CA THR A 168 8.27 -7.16 30.71
C THR A 168 7.51 -5.82 30.76
N SER A 169 8.23 -4.71 30.47
CA SER A 169 7.71 -3.35 30.48
C SER A 169 6.69 -3.17 29.37
N GLN A 170 5.79 -2.18 29.51
CA GLN A 170 4.78 -1.89 28.50
C GLN A 170 5.42 -1.70 27.12
N ALA A 171 6.48 -0.89 27.02
CA ALA A 171 7.20 -0.63 25.76
C ALA A 171 7.79 -1.89 25.15
N SER A 172 8.41 -2.78 25.98
CA SER A 172 9.03 -4.03 25.52
C SER A 172 8.00 -5.01 24.96
N ALA A 173 6.86 -5.19 25.68
CA ALA A 173 5.74 -6.07 25.33
C ALA A 173 5.18 -5.63 24.00
N GLU A 174 5.03 -4.30 23.79
CA GLU A 174 4.59 -3.66 22.56
C GLU A 174 5.60 -3.93 21.45
N TYR A 175 6.90 -3.82 21.76
CA TYR A 175 7.93 -4.06 20.76
C TYR A 175 7.88 -5.50 20.21
N GLN A 176 7.60 -6.48 21.08
CA GLN A 176 7.50 -7.91 20.72
C GLN A 176 6.33 -8.17 19.82
N VAL A 177 5.18 -7.52 20.08
CA VAL A 177 3.97 -7.56 19.25
C VAL A 177 4.34 -7.09 17.83
N LEU A 178 5.04 -5.94 17.75
CA LEU A 178 5.51 -5.35 16.50
C LEU A 178 6.46 -6.30 15.77
N GLN A 179 7.41 -6.92 16.51
CA GLN A 179 8.39 -7.87 15.99
C GLN A 179 7.72 -9.10 15.36
N ILE A 180 6.77 -9.74 16.09
CA ILE A 180 6.01 -10.90 15.63
C ILE A 180 5.16 -10.56 14.39
N VAL A 181 4.42 -9.45 14.45
CA VAL A 181 3.56 -8.99 13.35
C VAL A 181 4.37 -8.57 12.13
N SER A 182 5.58 -8.01 12.32
CA SER A 182 6.46 -7.60 11.20
C SER A 182 7.05 -8.78 10.44
N ALA A 183 7.01 -9.97 11.05
CA ALA A 183 7.51 -11.21 10.46
C ALA A 183 6.44 -11.87 9.58
N MET A 184 5.15 -11.50 9.78
CA MET A 184 4.00 -12.03 9.05
C MET A 184 4.06 -11.73 7.56
N GLU A 185 3.49 -12.64 6.75
CA GLU A 185 3.48 -12.58 5.28
C GLU A 185 2.72 -11.36 4.75
N ASN A 186 1.62 -10.99 5.42
CA ASN A 186 0.76 -9.88 5.03
C ASN A 186 1.04 -8.55 5.73
N TYR A 187 2.24 -8.39 6.35
CA TYR A 187 2.62 -7.17 7.05
C TYR A 187 2.92 -6.04 6.07
N GLY A 188 2.22 -4.93 6.25
CA GLY A 188 2.39 -3.74 5.42
C GLY A 188 1.74 -3.87 4.07
N ILE A 189 0.77 -4.78 3.94
CA ILE A 189 0.01 -5.04 2.72
C ILE A 189 -1.34 -4.33 2.86
N GLU A 190 -1.66 -3.46 1.88
CA GLU A 190 -2.89 -2.68 1.78
C GLU A 190 -3.85 -3.37 0.81
N TRP A 191 -5.00 -3.86 1.33
CA TRP A 191 -6.02 -4.58 0.55
C TRP A 191 -7.07 -3.66 -0.08
N HIS A 192 -7.31 -3.83 -1.39
CA HIS A 192 -8.29 -3.08 -2.19
C HIS A 192 -9.30 -4.04 -2.83
N SER A 193 -10.61 -3.71 -2.72
CA SER A 193 -11.71 -4.50 -3.30
C SER A 193 -11.91 -4.17 -4.78
N VAL A 194 -11.69 -5.16 -5.67
CA VAL A 194 -11.84 -5.01 -7.13
C VAL A 194 -12.85 -6.03 -7.73
N ARG A 195 -12.89 -6.11 -9.08
CA ARG A 195 -13.72 -6.98 -9.91
C ARG A 195 -12.85 -7.50 -11.07
N ASP A 196 -12.69 -8.83 -11.21
CA ASP A 196 -11.94 -9.43 -12.31
C ASP A 196 -12.94 -9.64 -13.44
N SER A 197 -12.81 -8.79 -14.50
CA SER A 197 -13.72 -8.67 -15.65
C SER A 197 -15.13 -8.35 -15.12
N GLU A 198 -16.04 -9.36 -15.07
CA GLU A 198 -17.40 -9.24 -14.54
C GLU A 198 -17.59 -10.40 -13.57
N GLY A 199 -16.75 -11.41 -13.73
CA GLY A 199 -16.79 -12.69 -13.03
C GLY A 199 -16.61 -12.78 -11.53
N GLN A 200 -15.49 -12.27 -10.99
CA GLN A 200 -15.21 -12.47 -9.57
C GLN A 200 -14.77 -11.22 -8.77
N LYS A 201 -15.08 -11.24 -7.45
CA LYS A 201 -14.77 -10.21 -6.46
C LYS A 201 -13.36 -10.44 -5.89
N LEU A 202 -12.33 -9.99 -6.62
CA LEU A 202 -10.91 -10.11 -6.27
C LEU A 202 -10.44 -9.04 -5.26
N LEU A 203 -9.37 -9.35 -4.52
CA LEU A 203 -8.79 -8.49 -3.49
C LEU A 203 -7.30 -8.26 -3.79
N ILE A 204 -6.89 -6.99 -4.03
CA ILE A 204 -5.49 -6.64 -4.34
C ILE A 204 -4.75 -6.04 -3.16
N GLY A 205 -3.61 -6.65 -2.85
CA GLY A 205 -2.73 -6.21 -1.78
C GLY A 205 -1.47 -5.54 -2.28
N VAL A 206 -1.29 -4.26 -1.92
CA VAL A 206 -0.11 -3.47 -2.27
C VAL A 206 0.79 -3.44 -1.04
N GLY A 207 2.01 -3.94 -1.21
CA GLY A 207 2.99 -4.02 -0.12
C GLY A 207 4.41 -3.69 -0.54
N PRO A 208 5.39 -3.82 0.39
CA PRO A 208 6.79 -3.49 0.06
C PRO A 208 7.44 -4.30 -1.07
N GLU A 209 7.13 -5.61 -1.12
CA GLU A 209 7.68 -6.56 -2.11
C GLU A 209 7.01 -6.47 -3.47
N GLY A 210 5.67 -6.37 -3.47
CA GLY A 210 4.89 -6.25 -4.69
C GLY A 210 3.41 -6.48 -4.52
N ILE A 211 2.70 -6.48 -5.66
CA ILE A 211 1.26 -6.70 -5.78
C ILE A 211 0.91 -8.16 -5.46
N SER A 212 -0.11 -8.36 -4.60
CA SER A 212 -0.60 -9.66 -4.18
C SER A 212 -2.06 -9.80 -4.61
N ILE A 213 -2.40 -10.91 -5.29
CA ILE A 213 -3.75 -11.18 -5.80
C ILE A 213 -4.32 -12.40 -5.09
N CYS A 214 -5.58 -12.29 -4.62
CA CYS A 214 -6.33 -13.36 -3.94
C CYS A 214 -7.84 -13.07 -3.89
N LYS A 215 -8.67 -14.13 -3.81
CA LYS A 215 -10.12 -14.01 -3.71
C LYS A 215 -10.54 -14.06 -2.24
N ASP A 216 -10.79 -12.87 -1.65
CA ASP A 216 -11.22 -12.64 -0.26
C ASP A 216 -10.28 -13.31 0.79
N ASP A 217 -9.02 -12.80 0.87
CA ASP A 217 -7.94 -13.21 1.78
C ASP A 217 -7.63 -14.73 1.76
N PHE A 218 -7.85 -15.39 0.61
CA PHE A 218 -7.59 -16.82 0.46
C PHE A 218 -6.16 -17.09 -0.03
N SER A 219 -5.92 -18.29 -0.60
CA SER A 219 -4.61 -18.71 -1.13
C SER A 219 -4.16 -17.73 -2.24
N PRO A 220 -2.98 -17.06 -2.10
CA PRO A 220 -2.58 -16.08 -3.13
C PRO A 220 -2.31 -16.71 -4.50
N ILE A 221 -3.15 -16.33 -5.49
CA ILE A 221 -3.12 -16.76 -6.89
C ILE A 221 -1.75 -16.40 -7.50
N ASN A 222 -1.25 -15.18 -7.17
CA ASN A 222 0.04 -14.65 -7.62
C ASN A 222 0.57 -13.64 -6.59
N ARG A 223 1.83 -13.83 -6.16
CA ARG A 223 2.51 -12.91 -5.24
C ARG A 223 3.63 -12.20 -6.03
N ILE A 224 3.20 -11.48 -7.08
CA ILE A 224 4.02 -10.75 -8.06
C ILE A 224 4.87 -9.64 -7.42
N ALA A 225 6.18 -9.66 -7.71
CA ALA A 225 7.16 -8.67 -7.26
C ALA A 225 7.09 -7.44 -8.20
N TYR A 226 7.71 -6.32 -7.80
CA TYR A 226 7.69 -5.09 -8.58
C TYR A 226 8.46 -5.14 -9.93
N PRO A 227 9.64 -5.83 -10.09
CA PRO A 227 10.31 -5.85 -11.40
C PRO A 227 9.50 -6.54 -12.50
N VAL A 228 8.60 -7.46 -12.10
CA VAL A 228 7.69 -8.24 -12.96
C VAL A 228 6.59 -7.30 -13.54
N VAL A 229 6.11 -6.33 -12.72
CA VAL A 229 5.11 -5.35 -13.15
C VAL A 229 5.82 -4.32 -14.03
N GLN A 230 5.52 -4.34 -15.33
CA GLN A 230 6.13 -3.45 -16.31
C GLN A 230 5.54 -2.04 -16.16
N MET A 231 4.22 -1.91 -16.40
CA MET A 231 3.50 -0.66 -16.30
C MET A 231 2.19 -0.82 -15.54
N ALA A 232 1.50 0.31 -15.33
CA ALA A 232 0.21 0.43 -14.65
C ALA A 232 -0.43 1.74 -15.11
N THR A 233 -1.77 1.73 -15.28
CA THR A 233 -2.55 2.90 -15.69
C THR A 233 -3.91 2.90 -15.03
N GLN A 234 -4.53 4.08 -14.93
CA GLN A 234 -5.86 4.25 -14.36
C GLN A 234 -6.75 5.01 -15.33
N SER A 235 -7.92 4.42 -15.65
CA SER A 235 -8.94 5.01 -16.53
C SER A 235 -10.29 4.87 -15.84
N GLY A 236 -10.86 5.99 -15.40
CA GLY A 236 -12.15 6.04 -14.71
C GLY A 236 -12.21 5.18 -13.47
N LYS A 237 -13.12 4.18 -13.47
CA LYS A 237 -13.31 3.21 -12.38
C LYS A 237 -12.41 1.97 -12.55
N ASN A 238 -11.54 1.95 -13.58
CA ASN A 238 -10.68 0.81 -13.89
C ASN A 238 -9.18 1.03 -13.65
N VAL A 239 -8.45 -0.07 -13.39
CA VAL A 239 -7.00 -0.08 -13.20
C VAL A 239 -6.40 -1.13 -14.15
N TYR A 240 -5.51 -0.67 -15.06
CA TYR A 240 -4.86 -1.52 -16.07
C TYR A 240 -3.38 -1.79 -15.77
N LEU A 241 -3.11 -2.91 -15.07
CA LEU A 241 -1.76 -3.32 -14.72
C LEU A 241 -1.14 -4.16 -15.83
N THR A 242 0.06 -3.75 -16.30
CA THR A 242 0.80 -4.43 -17.36
C THR A 242 1.89 -5.34 -16.73
N VAL A 243 1.51 -6.58 -16.40
CA VAL A 243 2.39 -7.58 -15.78
C VAL A 243 2.85 -8.62 -16.83
N THR A 244 4.17 -8.95 -16.85
CA THR A 244 4.73 -9.89 -17.83
C THR A 244 4.90 -11.31 -17.24
N LYS A 245 4.54 -12.33 -18.05
CA LYS A 245 4.65 -13.76 -17.73
C LYS A 245 6.10 -14.21 -18.01
N GLU A 246 6.54 -15.32 -17.36
CA GLU A 246 7.90 -15.92 -17.48
C GLU A 246 8.39 -16.14 -18.92
N SER A 247 7.47 -16.32 -19.89
CA SER A 247 7.76 -16.53 -21.32
C SER A 247 7.98 -15.20 -22.09
N GLY A 248 7.89 -14.08 -21.38
CA GLY A 248 8.04 -12.73 -21.93
C GLY A 248 6.73 -12.09 -22.31
N ASN A 249 5.64 -12.90 -22.37
CA ASN A 249 4.29 -12.50 -22.72
C ASN A 249 3.67 -11.52 -21.73
N SER A 250 3.44 -10.27 -22.19
CA SER A 250 2.84 -9.20 -21.40
C SER A 250 1.32 -9.39 -21.29
N ILE A 251 0.86 -9.91 -20.13
CA ILE A 251 -0.57 -10.15 -19.83
C ILE A 251 -1.16 -8.96 -19.03
N VAL A 252 -2.00 -8.15 -19.70
CA VAL A 252 -2.61 -6.95 -19.12
C VAL A 252 -3.80 -7.29 -18.22
N LEU A 253 -3.61 -7.19 -16.89
CA LEU A 253 -4.63 -7.46 -15.89
C LEU A 253 -5.63 -6.32 -15.75
N LEU A 254 -6.94 -6.65 -15.65
CA LEU A 254 -8.04 -5.70 -15.53
C LEU A 254 -8.75 -5.81 -14.18
N PHE A 255 -9.04 -4.66 -13.57
CA PHE A 255 -9.73 -4.56 -12.28
C PHE A 255 -10.76 -3.44 -12.33
N LYS A 256 -11.99 -3.71 -11.87
CA LYS A 256 -13.06 -2.71 -11.84
C LYS A 256 -13.35 -2.32 -10.39
N MET A 257 -13.24 -1.01 -10.09
CA MET A 257 -13.43 -0.47 -8.75
C MET A 257 -14.73 0.30 -8.60
N ILE A 258 -15.19 0.45 -7.33
CA ILE A 258 -16.43 1.11 -6.91
C ILE A 258 -16.58 2.57 -7.42
N SER A 259 -15.45 3.30 -7.65
CA SER A 259 -15.43 4.70 -8.11
C SER A 259 -14.15 5.08 -8.83
N THR A 260 -14.09 6.32 -9.33
CA THR A 260 -12.93 6.88 -10.03
C THR A 260 -11.83 7.20 -8.98
N ARG A 261 -12.25 7.72 -7.81
CA ARG A 261 -11.39 8.06 -6.68
C ARG A 261 -10.71 6.81 -6.13
N ALA A 262 -11.48 5.71 -5.97
CA ALA A 262 -10.98 4.42 -5.50
C ALA A 262 -10.00 3.81 -6.50
N ALA A 263 -10.28 3.96 -7.82
CA ALA A 263 -9.42 3.46 -8.90
C ALA A 263 -8.11 4.23 -8.92
N SER A 264 -8.18 5.55 -8.62
CA SER A 264 -7.00 6.40 -8.54
C SER A 264 -6.18 6.01 -7.32
N GLY A 265 -6.87 5.72 -6.21
CA GLY A 265 -6.29 5.28 -4.95
C GLY A 265 -5.38 4.09 -5.07
N LEU A 266 -5.78 3.08 -5.89
CA LEU A 266 -5.00 1.86 -6.16
C LEU A 266 -3.82 2.16 -7.07
N TYR A 267 -4.05 2.96 -8.13
CA TYR A 267 -2.98 3.35 -9.05
C TYR A 267 -1.89 4.11 -8.31
N ARG A 268 -2.32 5.02 -7.41
CA ARG A 268 -1.40 5.81 -6.60
C ARG A 268 -0.74 4.91 -5.57
N ALA A 269 -1.49 3.92 -5.00
CA ALA A 269 -0.92 2.95 -4.05
C ALA A 269 0.21 2.14 -4.70
N ILE A 270 0.08 1.77 -6.00
CA ILE A 270 1.13 1.02 -6.68
C ILE A 270 2.37 1.90 -6.90
N THR A 271 2.19 3.10 -7.48
CA THR A 271 3.31 4.01 -7.76
C THR A 271 4.04 4.44 -6.48
N GLU A 272 3.27 4.84 -5.44
CA GLU A 272 3.78 5.31 -4.15
C GLU A 272 4.54 4.22 -3.37
N THR A 273 3.96 3.02 -3.24
CA THR A 273 4.58 1.94 -2.47
C THR A 273 5.87 1.47 -3.12
N HIS A 274 5.87 1.36 -4.46
CA HIS A 274 7.04 0.97 -5.22
C HIS A 274 8.18 1.99 -4.95
N ALA A 275 7.91 3.29 -5.15
CA ALA A 275 8.87 4.37 -4.91
C ALA A 275 9.38 4.42 -3.47
N PHE A 276 8.48 4.26 -2.46
CA PHE A 276 8.87 4.31 -1.06
C PHE A 276 9.85 3.19 -0.70
N TYR A 277 9.58 1.95 -1.11
CA TYR A 277 10.40 0.80 -0.74
C TYR A 277 11.50 0.38 -1.73
N ARG A 278 11.40 0.77 -3.03
CA ARG A 278 12.36 0.33 -4.06
C ARG A 278 13.26 1.43 -4.63
N CYS A 279 12.94 2.71 -4.41
CA CYS A 279 13.79 3.77 -4.94
C CYS A 279 14.65 4.45 -3.86
N ASP A 280 15.85 4.92 -4.26
CA ASP A 280 16.79 5.65 -3.41
C ASP A 280 16.20 7.00 -3.01
N THR A 281 15.74 7.80 -4.00
CA THR A 281 15.14 9.12 -3.76
C THR A 281 13.82 9.24 -4.54
N VAL A 282 13.03 10.30 -4.27
CA VAL A 282 11.77 10.53 -5.00
C VAL A 282 12.17 10.90 -6.44
N THR A 283 13.20 11.77 -6.59
CA THR A 283 13.78 12.17 -7.87
C THR A 283 14.06 10.92 -8.75
N SER A 284 14.73 9.90 -8.14
CA SER A 284 15.04 8.60 -8.73
C SER A 284 13.76 7.90 -9.22
N ALA A 285 12.70 7.90 -8.41
CA ALA A 285 11.41 7.29 -8.75
C ALA A 285 10.74 8.03 -9.93
N VAL A 286 10.89 9.36 -9.97
CA VAL A 286 10.36 10.23 -11.03
C VAL A 286 11.09 9.89 -12.34
N MET A 287 12.42 9.68 -12.26
CA MET A 287 13.27 9.32 -13.39
C MET A 287 12.91 7.96 -13.97
N MET A 288 12.88 6.94 -13.11
CA MET A 288 12.53 5.56 -13.43
C MET A 288 11.23 5.50 -14.27
N GLN A 289 10.19 6.24 -13.85
CA GLN A 289 8.89 6.33 -14.51
C GLN A 289 9.02 6.99 -15.87
N TYR A 290 9.81 8.09 -15.95
CA TYR A 290 10.07 8.85 -17.18
C TYR A 290 10.77 7.97 -18.22
N SER A 291 11.86 7.28 -17.78
CA SER A 291 12.65 6.33 -18.56
C SER A 291 11.77 5.22 -19.14
N ARG A 292 10.89 4.61 -18.29
CA ARG A 292 9.92 3.57 -18.68
C ARG A 292 8.96 4.06 -19.76
N ASP A 293 8.60 5.38 -19.73
CA ASP A 293 7.71 6.03 -20.70
C ASP A 293 8.38 6.21 -22.06
N LEU A 294 9.64 6.70 -22.08
CA LEU A 294 10.43 6.89 -23.30
C LEU A 294 10.77 5.54 -23.91
N LYS A 295 11.23 4.58 -23.08
CA LYS A 295 11.56 3.20 -23.43
C LYS A 295 10.36 2.53 -24.13
N GLY A 296 9.16 2.70 -23.56
CA GLY A 296 7.90 2.16 -24.08
C GLY A 296 7.39 2.84 -25.34
N HIS A 297 7.67 4.15 -25.48
CA HIS A 297 7.28 4.96 -26.64
C HIS A 297 8.07 4.52 -27.87
N LEU A 298 9.33 4.10 -27.67
CA LEU A 298 10.26 3.61 -28.69
C LEU A 298 10.01 2.14 -29.04
N ALA A 299 9.43 1.35 -28.11
CA ALA A 299 9.10 -0.06 -28.32
C ALA A 299 7.88 -0.21 -29.25
N SER A 300 7.04 0.85 -29.35
CA SER A 300 5.86 0.93 -30.22
C SER A 300 6.26 1.46 -31.62
N LEU A 301 7.38 2.23 -31.67
CA LEU A 301 7.97 2.80 -32.87
C LEU A 301 8.58 1.72 -33.78
N PHE A 302 8.81 0.51 -33.22
CA PHE A 302 9.39 -0.63 -33.93
C PHE A 302 8.53 -1.89 -33.76
N LEU A 303 7.27 -1.80 -34.21
CA LEU A 303 6.29 -2.89 -34.17
C LEU A 303 5.45 -2.98 -35.47
N ASN A 304 5.80 -2.16 -36.50
CA ASN A 304 5.13 -2.10 -37.79
C ASN A 304 6.12 -2.24 -38.95
N LEU A 309 7.84 -2.10 -44.93
CA LEU A 309 9.01 -1.24 -44.73
C LEU A 309 9.24 -0.33 -45.96
N GLY A 310 9.52 -0.97 -47.11
CA GLY A 310 9.72 -0.28 -48.38
C GLY A 310 8.43 0.02 -49.11
N LYS A 311 7.28 -0.21 -48.42
CA LYS A 311 5.93 0.02 -48.93
C LYS A 311 5.66 1.52 -49.03
N LYS A 312 5.69 2.24 -47.88
CA LYS A 312 5.44 3.69 -47.75
C LYS A 312 6.40 4.54 -48.58
N TYR A 313 7.67 4.13 -48.62
CA TYR A 313 8.77 4.80 -49.32
C TYR A 313 8.96 4.25 -50.73
N VAL A 314 7.87 4.27 -51.51
CA VAL A 314 7.87 3.78 -52.88
C VAL A 314 8.43 4.85 -53.85
N PHE A 315 9.34 4.42 -54.75
CA PHE A 315 9.94 5.26 -55.77
C PHE A 315 9.61 4.63 -57.11
N ASP A 316 9.23 5.46 -58.09
CA ASP A 316 8.90 5.00 -59.43
C ASP A 316 10.20 4.72 -60.22
N ILE A 317 11.28 5.46 -59.90
CA ILE A 317 12.59 5.26 -60.53
C ILE A 317 13.17 3.91 -60.12
N LYS A 318 13.77 3.20 -61.08
CA LYS A 318 14.44 1.92 -60.88
C LYS A 318 15.91 2.20 -60.61
N ARG A 319 16.43 3.34 -61.12
CA ARG A 319 17.85 3.69 -61.03
C ARG A 319 18.07 5.16 -60.86
N THR A 320 19.24 5.53 -60.28
CA THR A 320 19.66 6.92 -60.10
C THR A 320 20.54 7.32 -61.30
N SER A 321 20.88 8.64 -61.42
CA SER A 321 21.70 9.17 -62.53
C SER A 321 22.96 8.36 -62.81
N LYS A 322 23.71 8.04 -61.74
CA LYS A 322 24.96 7.28 -61.66
C LYS A 322 24.76 5.82 -62.10
N GLU A 323 23.71 5.16 -61.58
CA GLU A 323 23.34 3.78 -61.92
C GLU A 323 22.97 3.67 -63.39
N VAL A 324 22.23 4.67 -63.96
CA VAL A 324 21.82 4.73 -65.36
C VAL A 324 23.07 4.74 -66.24
N TYR A 325 23.99 5.66 -65.97
CA TYR A 325 25.25 5.76 -66.71
C TYR A 325 26.06 4.45 -66.64
N ASP A 326 26.21 3.88 -65.42
CA ASP A 326 26.95 2.62 -65.26
C ASP A 326 26.25 1.42 -65.91
N HIS A 327 24.92 1.36 -65.85
CA HIS A 327 24.15 0.30 -66.47
C HIS A 327 24.29 0.40 -68.00
N ALA A 328 24.36 1.62 -68.54
CA ALA A 328 24.54 1.80 -69.99
C ALA A 328 25.95 1.34 -70.41
N ARG A 329 26.99 1.57 -69.58
CA ARG A 329 28.37 1.12 -69.87
C ARG A 329 28.44 -0.39 -69.88
N ARG A 330 27.94 -1.04 -68.80
CA ARG A 330 27.91 -2.48 -68.58
C ARG A 330 27.07 -3.20 -69.64
N ALA A 331 25.87 -2.68 -69.97
CA ALA A 331 24.98 -3.25 -70.97
C ALA A 331 25.66 -3.45 -72.33
N LEU A 332 26.41 -2.43 -72.80
CA LEU A 332 27.11 -2.45 -74.08
C LEU A 332 28.31 -3.41 -74.06
N TYR A 333 29.13 -3.37 -72.99
CA TYR A 333 30.31 -4.25 -72.87
C TYR A 333 29.88 -5.74 -72.84
N ASN A 334 28.78 -6.04 -72.09
CA ASN A 334 28.22 -7.40 -71.93
C ASN A 334 26.88 -7.53 -72.66
S SO4 B . 5.71 0.25 -11.55
O1 SO4 B . 4.70 -0.15 -10.57
O2 SO4 B . 5.16 0.17 -12.90
O3 SO4 B . 6.87 -0.64 -11.44
O4 SO4 B . 6.12 1.64 -11.27
C1 EDO C . 4.31 -3.50 32.30
O1 EDO C . 3.02 -2.94 32.05
C2 EDO C . 4.60 -3.58 33.83
O2 EDO C . 5.83 -4.26 34.07
C1 EDO D . 8.66 1.44 29.56
O1 EDO D . 9.12 2.34 28.56
C2 EDO D . 7.12 1.26 29.50
O2 EDO D . 6.59 0.83 30.75
#